data_3RL2
#
_entry.id   3RL2
#
_cell.length_a   70.054
_cell.length_b   77.424
_cell.length_c   78.707
_cell.angle_alpha   90.00
_cell.angle_beta   90.00
_cell.angle_gamma   90.00
#
_symmetry.space_group_name_H-M   'P 21 21 21'
#
loop_
_entity.id
_entity.type
_entity.pdbx_description
1 polymer 'HLA class I histocompatibility antigen, A-3 alpha chain'
2 polymer Beta-2-microglobulin
3 polymer 'Nef73 peptide from Protein Nef'
4 water water
#
loop_
_entity_poly.entity_id
_entity_poly.type
_entity_poly.pdbx_seq_one_letter_code
_entity_poly.pdbx_strand_id
1 'polypeptide(L)'
;GSHSMRYFFTSVSRPGRGEPRFIAVGYVDDTQFVRFDSDAASQRMEPRAPWIEQEGPEYWDQETRNVKAQSQTDRVDLGT
LRGYYNQSEAGSHTIQIMYGCDVGSDGRFLRGYRQDAYDGKDYIALNEDLRSWTAADMAAQITKRKWEAAHEAEQLRAYL
DGTCVEWLRRYLENGKETLQRTDPPKTHMTHHPISDHEATLRCWALGFYPAEITLTWQRDGEDQTQDTELVETRPAGDGT
FQKWAAVVVPSGEEQRYTCHVQHEGLPKPLTLRW
;
A
2 'polypeptide(L)'
;IQRTPKIQVYSRHPAENGKSNFLNCYVSGFHPSDIEVDLLKNGERIEKVEHSDLSFSKDWSFYLLYYTEFTPTEKDEYAC
RVNHVTLSQPKIVKWDRDM
;
B
3 'polypeptide(L)' QVPLRPMTYK C
#
# COMPACT_ATOMS: atom_id res chain seq x y z
N GLY A 1 -19.12 2.12 9.59
CA GLY A 1 -18.94 2.46 8.19
C GLY A 1 -18.82 1.24 7.30
N SER A 2 -18.49 1.46 6.04
CA SER A 2 -18.29 0.36 5.10
C SER A 2 -16.82 -0.09 5.13
N HIS A 3 -16.58 -1.34 4.72
CA HIS A 3 -15.24 -1.89 4.73
C HIS A 3 -15.01 -2.73 3.47
N SER A 4 -13.82 -3.29 3.35
CA SER A 4 -13.51 -4.15 2.23
C SER A 4 -12.49 -5.20 2.62
N MET A 5 -12.42 -6.27 1.85
CA MET A 5 -11.38 -7.27 2.00
C MET A 5 -10.75 -7.54 0.63
N ARG A 6 -9.43 -7.51 0.57
CA ARG A 6 -8.72 -7.73 -0.68
C ARG A 6 -7.58 -8.71 -0.51
N TYR A 7 -7.34 -9.51 -1.54
CA TYR A 7 -6.15 -10.34 -1.58
C TYR A 7 -5.28 -9.92 -2.75
N PHE A 8 -3.99 -9.74 -2.49
CA PHE A 8 -3.06 -9.28 -3.51
C PHE A 8 -2.02 -10.34 -3.82
N PHE A 9 -1.79 -10.58 -5.10
CA PHE A 9 -0.85 -11.61 -5.53
C PHE A 9 0.13 -11.04 -6.55
N THR A 10 1.40 -11.39 -6.37
CA THR A 10 2.44 -10.95 -7.28
C THR A 10 3.41 -12.09 -7.60
N SER A 11 3.52 -12.44 -8.87
CA SER A 11 4.45 -13.47 -9.31
C SER A 11 5.42 -12.91 -10.34
N VAL A 12 6.70 -12.94 -10.02
CA VAL A 12 7.72 -12.39 -10.90
C VAL A 12 8.70 -13.46 -11.33
N SER A 13 8.86 -13.62 -12.64
CA SER A 13 9.77 -14.63 -13.18
C SER A 13 11.21 -14.12 -13.18
N ARG A 14 12.15 -15.01 -12.88
CA ARG A 14 13.57 -14.70 -12.91
C ARG A 14 14.29 -15.81 -13.67
N PRO A 15 14.16 -15.79 -15.00
CA PRO A 15 14.63 -16.86 -15.89
C PRO A 15 16.10 -17.18 -15.68
N GLY A 16 16.41 -18.48 -15.63
CA GLY A 16 17.78 -18.93 -15.45
C GLY A 16 18.28 -18.77 -14.03
N ARG A 17 17.50 -18.07 -13.20
CA ARG A 17 17.90 -17.82 -11.82
C ARG A 17 16.80 -18.19 -10.82
N GLY A 18 16.18 -19.35 -11.05
CA GLY A 18 15.19 -19.86 -10.12
C GLY A 18 13.77 -19.80 -10.62
N GLU A 19 12.83 -20.00 -9.70
CA GLU A 19 11.40 -19.99 -10.03
C GLU A 19 10.76 -18.66 -9.65
N PRO A 20 9.59 -18.36 -10.25
CA PRO A 20 8.92 -17.08 -9.99
C PRO A 20 8.79 -16.76 -8.50
N ARG A 21 9.16 -15.54 -8.13
CA ARG A 21 8.95 -15.05 -6.78
C ARG A 21 7.46 -14.81 -6.60
N PHE A 22 6.87 -15.43 -5.58
CA PHE A 22 5.43 -15.34 -5.34
C PHE A 22 5.14 -14.74 -3.99
N ILE A 23 4.42 -13.62 -3.99
CA ILE A 23 4.05 -12.93 -2.75
C ILE A 23 2.57 -12.59 -2.72
N ALA A 24 1.90 -13.06 -1.66
CA ALA A 24 0.46 -12.86 -1.52
C ALA A 24 0.15 -12.26 -0.15
N VAL A 25 -0.76 -11.30 -0.11
CA VAL A 25 -1.13 -10.65 1.14
C VAL A 25 -2.62 -10.35 1.21
N GLY A 26 -3.21 -10.62 2.37
CA GLY A 26 -4.61 -10.33 2.59
C GLY A 26 -4.81 -9.01 3.31
N TYR A 27 -5.82 -8.25 2.88
CA TYR A 27 -6.13 -6.95 3.46
C TYR A 27 -7.55 -6.91 3.99
N VAL A 28 -7.72 -6.33 5.18
CA VAL A 28 -9.02 -5.84 5.60
C VAL A 28 -8.87 -4.32 5.73
N ASP A 29 -9.54 -3.59 4.84
CA ASP A 29 -9.32 -2.16 4.72
C ASP A 29 -7.81 -2.13 4.52
N ASP A 30 -7.13 -1.30 5.30
CA ASP A 30 -5.72 -0.96 5.09
C ASP A 30 -4.81 -1.80 5.96
N THR A 31 -5.38 -2.79 6.63
CA THR A 31 -4.62 -3.63 7.55
C THR A 31 -4.26 -4.97 6.91
N GLN A 32 -2.98 -5.27 6.85
CA GLN A 32 -2.53 -6.58 6.39
C GLN A 32 -2.73 -7.59 7.50
N PHE A 33 -3.32 -8.74 7.19
CA PHE A 33 -3.63 -9.72 8.24
C PHE A 33 -3.08 -11.12 7.95
N VAL A 34 -2.81 -11.44 6.69
CA VAL A 34 -2.16 -12.69 6.32
C VAL A 34 -1.19 -12.46 5.18
N ARG A 35 -0.23 -13.38 5.02
CA ARG A 35 0.74 -13.25 3.94
C ARG A 35 1.43 -14.57 3.60
N PHE A 36 1.95 -14.65 2.38
CA PHE A 36 2.73 -15.77 1.93
C PHE A 36 3.89 -15.28 1.05
N ASP A 37 5.10 -15.71 1.37
CA ASP A 37 6.26 -15.34 0.58
C ASP A 37 7.06 -16.58 0.21
N SER A 38 7.12 -16.87 -1.09
CA SER A 38 7.76 -18.09 -1.58
C SER A 38 9.20 -18.28 -1.07
N ASP A 39 9.77 -17.22 -0.50
CA ASP A 39 11.13 -17.30 0.04
C ASP A 39 11.14 -17.69 1.52
N ALA A 40 9.99 -17.56 2.19
CA ALA A 40 9.90 -17.89 3.60
C ALA A 40 10.13 -19.38 3.80
N ALA A 41 10.86 -19.71 4.87
CA ALA A 41 11.17 -21.10 5.19
C ALA A 41 9.90 -21.90 5.49
N SER A 42 9.00 -21.30 6.25
CA SER A 42 7.76 -21.97 6.66
C SER A 42 6.94 -22.53 5.49
N GLN A 43 6.86 -21.76 4.41
CA GLN A 43 6.02 -22.13 3.27
C GLN A 43 4.57 -22.28 3.72
N ARG A 44 4.15 -21.37 4.60
CA ARG A 44 2.80 -21.39 5.14
C ARG A 44 2.18 -20.00 5.03
N MET A 45 0.85 -19.96 4.99
CA MET A 45 0.13 -18.69 5.13
C MET A 45 0.29 -18.24 6.58
N GLU A 46 0.91 -17.08 6.78
CA GLU A 46 1.24 -16.62 8.12
C GLU A 46 0.35 -15.46 8.56
N PRO A 47 0.03 -15.41 9.86
CA PRO A 47 -0.76 -14.31 10.45
C PRO A 47 0.04 -13.02 10.49
N ARG A 48 -0.64 -11.88 10.44
CA ARG A 48 0.02 -10.58 10.49
C ARG A 48 -0.71 -9.60 11.39
N ALA A 49 -1.89 -10.00 11.83
CA ALA A 49 -2.67 -9.20 12.77
C ALA A 49 -3.20 -10.09 13.88
N PRO A 50 -3.24 -9.56 15.11
CA PRO A 50 -3.59 -10.31 16.32
C PRO A 50 -4.96 -11.01 16.24
N TRP A 51 -5.89 -10.45 15.48
CA TRP A 51 -7.25 -10.98 15.46
C TRP A 51 -7.46 -12.18 14.53
N ILE A 52 -6.49 -12.47 13.67
CA ILE A 52 -6.59 -13.61 12.78
C ILE A 52 -5.85 -14.81 13.35
N GLU A 53 -5.04 -14.56 14.38
CA GLU A 53 -4.22 -15.59 14.99
C GLU A 53 -5.05 -16.67 15.67
N GLN A 54 -6.19 -16.30 16.21
CA GLN A 54 -7.04 -17.24 16.94
C GLN A 54 -7.63 -18.32 16.05
N GLU A 55 -7.46 -18.18 14.74
CA GLU A 55 -7.98 -19.17 13.80
C GLU A 55 -7.26 -20.50 13.98
N GLY A 56 -8.03 -21.58 14.00
CA GLY A 56 -7.49 -22.91 14.23
C GLY A 56 -6.67 -23.46 13.07
N PRO A 57 -6.14 -24.68 13.24
CA PRO A 57 -5.28 -25.36 12.27
C PRO A 57 -6.01 -25.68 10.97
N GLU A 58 -7.32 -25.88 11.05
CA GLU A 58 -8.12 -26.16 9.86
C GLU A 58 -8.02 -24.98 8.90
N TYR A 59 -8.02 -23.79 9.47
CA TYR A 59 -7.97 -22.55 8.70
C TYR A 59 -6.64 -22.39 8.00
N TRP A 60 -5.56 -22.50 8.76
CA TRP A 60 -4.21 -22.28 8.21
C TRP A 60 -3.82 -23.32 7.18
N ASP A 61 -4.14 -24.59 7.43
CA ASP A 61 -3.88 -25.64 6.46
C ASP A 61 -4.53 -25.30 5.13
N GLN A 62 -5.83 -25.07 5.15
CA GLN A 62 -6.61 -24.80 3.94
C GLN A 62 -6.15 -23.54 3.21
N GLU A 63 -5.76 -22.52 3.97
CA GLU A 63 -5.27 -21.28 3.37
C GLU A 63 -3.93 -21.51 2.68
N THR A 64 -3.06 -22.25 3.34
CA THR A 64 -1.76 -22.57 2.79
C THR A 64 -1.88 -23.36 1.49
N ARG A 65 -2.70 -24.40 1.51
CA ARG A 65 -2.91 -25.22 0.32
C ARG A 65 -3.48 -24.38 -0.83
N ASN A 66 -4.48 -23.57 -0.52
CA ASN A 66 -5.15 -22.78 -1.56
C ASN A 66 -4.30 -21.62 -2.09
N VAL A 67 -3.45 -21.06 -1.24
CA VAL A 67 -2.55 -20.00 -1.69
C VAL A 67 -1.39 -20.57 -2.50
N LYS A 68 -0.94 -21.76 -2.11
CA LYS A 68 0.12 -22.45 -2.84
C LYS A 68 -0.33 -22.82 -4.24
N ALA A 69 -1.59 -23.23 -4.36
CA ALA A 69 -2.14 -23.63 -5.66
C ALA A 69 -2.20 -22.41 -6.58
N GLN A 70 -2.46 -21.25 -5.97
CA GLN A 70 -2.46 -19.99 -6.72
C GLN A 70 -1.11 -19.73 -7.36
N SER A 71 -0.04 -19.87 -6.59
CA SER A 71 1.30 -19.63 -7.12
C SER A 71 1.62 -20.55 -8.29
N GLN A 72 1.22 -21.82 -8.17
CA GLN A 72 1.42 -22.80 -9.23
C GLN A 72 0.72 -22.37 -10.52
N THR A 73 -0.49 -21.83 -10.37
CA THR A 73 -1.26 -21.37 -11.52
C THR A 73 -0.59 -20.17 -12.17
N ASP A 74 -0.05 -19.27 -11.35
CA ASP A 74 0.69 -18.12 -11.85
C ASP A 74 1.94 -18.57 -12.60
N ARG A 75 2.64 -19.55 -12.03
CA ARG A 75 3.83 -20.10 -12.68
C ARG A 75 3.50 -20.55 -14.09
N VAL A 76 2.39 -21.28 -14.23
CA VAL A 76 1.98 -21.79 -15.53
C VAL A 76 1.58 -20.65 -16.45
N ASP A 77 0.82 -19.70 -15.91
CA ASP A 77 0.33 -18.57 -16.68
C ASP A 77 1.47 -17.73 -17.25
N LEU A 78 2.52 -17.54 -16.45
CA LEU A 78 3.68 -16.78 -16.90
C LEU A 78 4.20 -17.34 -18.20
N GLY A 79 4.39 -18.67 -18.23
CA GLY A 79 4.83 -19.32 -19.44
C GLY A 79 3.87 -19.08 -20.58
N THR A 80 2.58 -19.27 -20.31
CA THR A 80 1.54 -19.13 -21.32
C THR A 80 1.50 -17.73 -21.92
N LEU A 81 1.55 -16.71 -21.06
CA LEU A 81 1.49 -15.32 -21.52
C LEU A 81 2.70 -14.90 -22.33
N ARG A 82 3.89 -15.26 -21.86
CA ARG A 82 5.10 -15.01 -22.62
C ARG A 82 4.91 -15.55 -24.03
N GLY A 83 4.34 -16.75 -24.13
CA GLY A 83 4.03 -17.37 -25.40
C GLY A 83 3.06 -16.56 -26.24
N TYR A 84 1.96 -16.12 -25.64
CA TYR A 84 1.00 -15.28 -26.33
C TYR A 84 1.69 -14.10 -27.00
N TYR A 85 2.54 -13.41 -26.25
CA TYR A 85 3.15 -12.17 -26.72
C TYR A 85 4.42 -12.36 -27.56
N ASN A 86 4.87 -13.61 -27.67
CA ASN A 86 6.10 -13.91 -28.40
C ASN A 86 7.35 -13.29 -27.76
N GLN A 87 7.30 -13.06 -26.45
CA GLN A 87 8.43 -12.50 -25.73
C GLN A 87 9.53 -13.55 -25.54
N SER A 88 10.76 -13.08 -25.40
CA SER A 88 11.90 -13.98 -25.26
C SER A 88 11.96 -14.60 -23.87
N GLU A 89 12.61 -15.76 -23.77
CA GLU A 89 12.66 -16.51 -22.53
C GLU A 89 13.55 -15.87 -21.47
N ALA A 90 14.45 -14.99 -21.90
CA ALA A 90 15.42 -14.38 -20.98
C ALA A 90 14.81 -13.27 -20.13
N GLY A 91 13.68 -12.75 -20.57
CA GLY A 91 13.07 -11.60 -19.91
C GLY A 91 12.27 -11.93 -18.65
N SER A 92 12.34 -11.05 -17.67
CA SER A 92 11.56 -11.18 -16.46
C SER A 92 10.18 -10.57 -16.66
N HIS A 93 9.15 -11.22 -16.13
CA HIS A 93 7.79 -10.74 -16.33
C HIS A 93 6.92 -10.87 -15.08
N THR A 94 5.89 -10.06 -14.98
CA THR A 94 5.10 -9.97 -13.77
C THR A 94 3.61 -10.21 -13.99
N ILE A 95 3.03 -11.03 -13.11
CA ILE A 95 1.59 -11.18 -13.04
C ILE A 95 1.12 -10.68 -11.68
N GLN A 96 0.13 -9.78 -11.70
CA GLN A 96 -0.45 -9.26 -10.48
C GLN A 96 -1.94 -9.49 -10.47
N ILE A 97 -2.47 -9.88 -9.32
CA ILE A 97 -3.88 -10.18 -9.20
C ILE A 97 -4.49 -9.57 -7.94
N MET A 98 -5.66 -8.98 -8.08
CA MET A 98 -6.37 -8.45 -6.94
C MET A 98 -7.85 -8.80 -7.03
N TYR A 99 -8.40 -9.32 -5.95
CA TYR A 99 -9.83 -9.58 -5.87
C TYR A 99 -10.34 -9.41 -4.44
N GLY A 100 -11.64 -9.19 -4.30
CA GLY A 100 -12.24 -9.00 -3.00
C GLY A 100 -13.62 -8.38 -3.07
N CYS A 101 -14.12 -7.93 -1.92
CA CYS A 101 -15.47 -7.41 -1.84
C CYS A 101 -15.60 -6.25 -0.87
N ASP A 102 -16.62 -5.42 -1.08
CA ASP A 102 -16.94 -4.34 -0.16
C ASP A 102 -18.27 -4.64 0.52
N VAL A 103 -18.40 -4.24 1.78
CA VAL A 103 -19.64 -4.43 2.51
C VAL A 103 -20.01 -3.17 3.28
N GLY A 104 -21.31 -2.94 3.49
CA GLY A 104 -21.79 -1.78 4.21
C GLY A 104 -21.75 -1.98 5.71
N SER A 105 -22.24 -0.99 6.45
CA SER A 105 -22.28 -1.06 7.91
C SER A 105 -23.09 -2.27 8.38
N ASP A 106 -24.05 -2.70 7.56
CA ASP A 106 -24.93 -3.80 7.92
C ASP A 106 -24.35 -5.15 7.53
N GLY A 107 -23.24 -5.13 6.79
CA GLY A 107 -22.54 -6.35 6.42
C GLY A 107 -23.00 -7.00 5.14
N ARG A 108 -23.67 -6.22 4.33
CA ARG A 108 -24.18 -6.69 3.10
C ARG A 108 -23.31 -6.22 1.96
N PHE A 109 -23.29 -7.04 0.96
CA PHE A 109 -22.61 -6.81 -0.25
C PHE A 109 -22.95 -5.51 -0.94
N LEU A 110 -21.89 -4.82 -1.31
CA LEU A 110 -21.97 -3.63 -2.05
C LEU A 110 -21.45 -3.91 -3.45
N ARG A 111 -20.29 -4.51 -3.53
CA ARG A 111 -19.70 -4.85 -4.82
C ARG A 111 -18.54 -5.82 -4.65
N GLY A 112 -18.21 -6.51 -5.74
CA GLY A 112 -17.07 -7.41 -5.74
C GLY A 112 -16.18 -7.04 -6.91
N TYR A 113 -14.91 -7.43 -6.83
CA TYR A 113 -14.00 -7.16 -7.94
C TYR A 113 -12.97 -8.26 -8.13
N ARG A 114 -12.38 -8.27 -9.32
CA ARG A 114 -11.33 -9.20 -9.68
C ARG A 114 -10.65 -8.67 -10.93
N GLN A 115 -9.37 -8.33 -10.81
CA GLN A 115 -8.63 -7.84 -11.96
C GLN A 115 -7.21 -8.36 -12.00
N ASP A 116 -6.68 -8.49 -13.21
CA ASP A 116 -5.37 -9.08 -13.41
C ASP A 116 -4.52 -8.21 -14.33
N ALA A 117 -3.22 -8.18 -14.06
CA ALA A 117 -2.30 -7.41 -14.88
C ALA A 117 -1.14 -8.25 -15.37
N TYR A 118 -0.51 -7.81 -16.46
CA TYR A 118 0.69 -8.44 -16.96
C TYR A 118 1.74 -7.37 -17.25
N ASP A 119 2.80 -7.36 -16.45
CA ASP A 119 3.85 -6.35 -16.57
C ASP A 119 3.33 -4.94 -16.29
N GLY A 120 2.49 -4.79 -15.28
CA GLY A 120 2.01 -3.49 -14.85
C GLY A 120 0.97 -2.85 -15.75
N LYS A 121 0.22 -3.68 -16.46
CA LYS A 121 -0.77 -3.19 -17.42
C LYS A 121 -2.04 -4.05 -17.33
N ASP A 122 -3.21 -3.41 -17.43
CA ASP A 122 -4.48 -4.12 -17.44
C ASP A 122 -4.41 -5.30 -18.38
N TYR A 123 -4.74 -6.49 -17.89
CA TYR A 123 -4.79 -7.67 -18.75
C TYR A 123 -6.24 -8.12 -18.94
N ILE A 124 -6.85 -8.61 -17.87
CA ILE A 124 -8.25 -9.02 -17.92
C ILE A 124 -8.92 -8.72 -16.59
N ALA A 125 -10.19 -8.33 -16.62
CA ALA A 125 -10.89 -7.98 -15.40
C ALA A 125 -12.35 -8.44 -15.42
N LEU A 126 -12.86 -8.80 -14.24
CA LEU A 126 -14.29 -9.08 -14.11
C LEU A 126 -15.04 -7.76 -14.04
N ASN A 127 -16.05 -7.62 -14.89
CA ASN A 127 -16.87 -6.41 -14.92
C ASN A 127 -17.71 -6.25 -13.66
N GLU A 128 -18.19 -5.03 -13.43
CA GLU A 128 -18.98 -4.72 -12.25
C GLU A 128 -20.11 -5.72 -12.01
N ASP A 129 -20.82 -6.07 -13.09
CA ASP A 129 -21.96 -6.97 -12.99
C ASP A 129 -21.56 -8.36 -12.52
N LEU A 130 -20.27 -8.58 -12.40
CA LEU A 130 -19.73 -9.87 -11.98
C LEU A 130 -20.17 -11.00 -12.92
N ARG A 131 -20.46 -10.66 -14.17
CA ARG A 131 -20.97 -11.64 -15.12
C ARG A 131 -20.22 -11.64 -16.46
N SER A 132 -19.46 -10.58 -16.71
CA SER A 132 -18.74 -10.46 -17.97
C SER A 132 -17.28 -10.05 -17.77
N TRP A 133 -16.46 -10.34 -18.77
CA TRP A 133 -15.04 -10.03 -18.70
C TRP A 133 -14.66 -8.91 -19.66
N THR A 134 -13.62 -8.17 -19.29
CA THR A 134 -13.05 -7.16 -20.17
C THR A 134 -11.59 -7.50 -20.43
N ALA A 135 -11.26 -7.79 -21.68
CA ALA A 135 -9.89 -8.09 -22.07
C ALA A 135 -9.23 -6.84 -22.63
N ALA A 136 -8.01 -6.57 -22.17
CA ALA A 136 -7.31 -5.33 -22.50
C ALA A 136 -6.60 -5.38 -23.85
N ASP A 137 -6.38 -6.59 -24.36
CA ASP A 137 -5.69 -6.75 -25.64
C ASP A 137 -5.98 -8.10 -26.28
N MET A 138 -5.46 -8.29 -27.50
CA MET A 138 -5.70 -9.50 -28.25
C MET A 138 -5.32 -10.79 -27.52
N ALA A 139 -4.26 -10.72 -26.72
CA ALA A 139 -3.80 -11.86 -25.96
C ALA A 139 -4.81 -12.22 -24.87
N ALA A 140 -5.26 -11.21 -24.13
CA ALA A 140 -6.26 -11.40 -23.09
C ALA A 140 -7.54 -11.98 -23.68
N GLN A 141 -7.79 -11.67 -24.95
CA GLN A 141 -8.94 -12.20 -25.66
C GLN A 141 -8.95 -13.72 -25.61
N ILE A 142 -7.76 -14.32 -25.74
CA ILE A 142 -7.62 -15.77 -25.65
C ILE A 142 -8.07 -16.25 -24.28
N THR A 143 -7.48 -15.67 -23.23
CA THR A 143 -7.86 -15.99 -21.86
C THR A 143 -9.35 -15.81 -21.64
N LYS A 144 -9.90 -14.73 -22.18
CA LYS A 144 -11.33 -14.46 -22.05
C LYS A 144 -12.18 -15.61 -22.57
N ARG A 145 -11.87 -16.09 -23.77
CA ARG A 145 -12.61 -17.21 -24.35
C ARG A 145 -12.52 -18.44 -23.46
N LYS A 146 -11.32 -18.73 -22.97
CA LYS A 146 -11.13 -19.85 -22.05
C LYS A 146 -12.04 -19.71 -20.82
N TRP A 147 -12.00 -18.55 -20.19
CA TRP A 147 -12.72 -18.35 -18.94
C TRP A 147 -14.24 -18.39 -19.11
N GLU A 148 -14.73 -17.84 -20.21
CA GLU A 148 -16.14 -17.95 -20.53
C GLU A 148 -16.50 -19.42 -20.76
N ALA A 149 -15.71 -20.09 -21.59
CA ALA A 149 -15.92 -21.50 -21.89
C ALA A 149 -15.97 -22.35 -20.61
N ALA A 150 -15.28 -21.92 -19.57
CA ALA A 150 -15.19 -22.69 -18.34
C ALA A 150 -16.17 -22.22 -17.26
N HIS A 151 -17.00 -21.24 -17.60
CA HIS A 151 -18.00 -20.73 -16.67
C HIS A 151 -17.38 -20.16 -15.38
N GLU A 152 -16.17 -19.62 -15.50
CA GLU A 152 -15.44 -19.13 -14.33
C GLU A 152 -16.13 -17.96 -13.64
N ALA A 153 -16.97 -17.23 -14.37
CA ALA A 153 -17.67 -16.08 -13.81
C ALA A 153 -18.65 -16.50 -12.71
N GLU A 154 -19.38 -17.58 -12.94
CA GLU A 154 -20.37 -18.09 -11.99
C GLU A 154 -19.77 -18.41 -10.63
N GLN A 155 -18.71 -19.22 -10.61
CA GLN A 155 -18.11 -19.65 -9.35
C GLN A 155 -17.41 -18.49 -8.65
N LEU A 156 -16.91 -17.54 -9.42
CA LEU A 156 -16.30 -16.34 -8.87
C LEU A 156 -17.36 -15.47 -8.19
N ARG A 157 -18.50 -15.32 -8.86
CA ARG A 157 -19.60 -14.55 -8.31
C ARG A 157 -20.12 -15.19 -7.03
N ALA A 158 -20.02 -16.52 -6.96
CA ALA A 158 -20.44 -17.27 -5.78
C ALA A 158 -19.53 -16.97 -4.60
N TYR A 159 -18.27 -16.65 -4.88
CA TYR A 159 -17.32 -16.31 -3.84
C TYR A 159 -17.44 -14.84 -3.45
N LEU A 160 -17.33 -13.96 -4.43
CA LEU A 160 -17.39 -12.52 -4.18
C LEU A 160 -18.70 -12.14 -3.49
N ASP A 161 -19.81 -12.74 -3.94
CA ASP A 161 -21.12 -12.47 -3.39
C ASP A 161 -21.40 -13.25 -2.11
N GLY A 162 -20.75 -14.40 -1.96
CA GLY A 162 -21.04 -15.29 -0.86
C GLY A 162 -19.96 -15.39 0.19
N THR A 163 -19.02 -16.31 -0.02
CA THR A 163 -17.96 -16.56 0.95
C THR A 163 -17.25 -15.29 1.40
N CYS A 164 -16.86 -14.47 0.43
CA CYS A 164 -16.09 -13.26 0.70
C CYS A 164 -16.71 -12.42 1.81
N VAL A 165 -17.95 -11.98 1.61
CA VAL A 165 -18.62 -11.15 2.60
C VAL A 165 -18.71 -11.85 3.95
N GLU A 166 -19.07 -13.12 3.95
CA GLU A 166 -19.25 -13.89 5.18
C GLU A 166 -17.98 -13.88 6.04
N TRP A 167 -16.82 -13.97 5.41
CA TRP A 167 -15.55 -13.93 6.14
C TRP A 167 -15.14 -12.52 6.55
N LEU A 168 -15.42 -11.54 5.69
CA LEU A 168 -15.17 -10.14 6.03
C LEU A 168 -15.92 -9.77 7.30
N ARG A 169 -17.19 -10.19 7.37
CA ARG A 169 -18.00 -9.97 8.57
C ARG A 169 -17.35 -10.58 9.79
N ARG A 170 -16.85 -11.80 9.64
CA ARG A 170 -16.18 -12.49 10.73
C ARG A 170 -14.94 -11.71 11.19
N TYR A 171 -14.12 -11.30 10.22
CA TYR A 171 -12.91 -10.56 10.51
C TYR A 171 -13.21 -9.24 11.22
N LEU A 172 -14.16 -8.50 10.68
CA LEU A 172 -14.53 -7.20 11.24
C LEU A 172 -14.96 -7.32 12.69
N GLU A 173 -15.80 -8.31 12.98
CA GLU A 173 -16.27 -8.52 14.34
C GLU A 173 -15.13 -8.99 15.25
N ASN A 174 -14.38 -9.98 14.79
CA ASN A 174 -13.29 -10.52 15.59
C ASN A 174 -12.29 -9.46 16.03
N GLY A 175 -11.91 -8.58 15.10
CA GLY A 175 -10.95 -7.54 15.40
C GLY A 175 -11.50 -6.13 15.39
N LYS A 176 -12.76 -5.98 15.80
CA LYS A 176 -13.40 -4.67 15.82
C LYS A 176 -12.64 -3.68 16.69
N GLU A 177 -12.20 -4.14 17.85
N GLU A 177 -12.21 -4.15 17.85
CA GLU A 177 -11.48 -3.30 18.80
CA GLU A 177 -11.48 -3.31 18.79
C GLU A 177 -10.13 -2.87 18.25
C GLU A 177 -10.14 -2.88 18.20
N THR A 178 -9.29 -3.85 17.93
CA THR A 178 -7.94 -3.59 17.45
C THR A 178 -7.88 -2.96 16.06
N LEU A 179 -8.84 -3.31 15.21
CA LEU A 179 -8.88 -2.74 13.86
C LEU A 179 -8.93 -1.23 13.93
N GLN A 180 -8.21 -0.59 13.02
CA GLN A 180 -8.15 0.86 12.97
C GLN A 180 -9.52 1.46 12.64
N ARG A 181 -9.96 2.39 13.47
CA ARG A 181 -11.19 3.14 13.22
C ARG A 181 -10.91 4.62 13.23
N THR A 182 -11.98 5.42 13.11
CA THR A 182 -11.86 6.86 12.98
C THR A 182 -10.95 7.51 14.02
N ASP A 183 -9.91 8.18 13.53
CA ASP A 183 -8.97 8.91 14.36
C ASP A 183 -8.75 10.32 13.80
N PRO A 184 -9.07 11.33 14.61
CA PRO A 184 -8.91 12.73 14.22
C PRO A 184 -7.43 13.09 14.10
N PRO A 185 -7.09 13.93 13.11
CA PRO A 185 -5.71 14.38 12.98
C PRO A 185 -5.26 15.19 14.17
N LYS A 186 -4.02 14.99 14.60
CA LYS A 186 -3.40 15.87 15.58
C LYS A 186 -2.60 16.89 14.78
N THR A 187 -3.01 18.16 14.87
CA THR A 187 -2.46 19.18 13.99
C THR A 187 -1.63 20.24 14.73
N HIS A 188 -0.63 20.76 14.02
CA HIS A 188 0.20 21.82 14.55
C HIS A 188 0.96 22.50 13.42
N MET A 189 1.45 23.71 13.69
CA MET A 189 2.16 24.47 12.67
C MET A 189 3.61 24.67 13.08
N THR A 190 4.51 24.61 12.09
CA THR A 190 5.92 24.87 12.34
C THR A 190 6.44 26.02 11.49
N HIS A 191 7.50 26.66 11.96
CA HIS A 191 8.06 27.83 11.31
C HIS A 191 9.55 27.62 11.01
N HIS A 192 9.94 27.88 9.76
CA HIS A 192 11.32 27.65 9.33
C HIS A 192 11.84 28.78 8.46
N PRO A 193 12.63 29.69 9.06
CA PRO A 193 13.27 30.75 8.28
C PRO A 193 14.22 30.19 7.23
N ILE A 194 14.10 30.66 6.00
CA ILE A 194 15.08 30.33 4.97
C ILE A 194 16.07 31.48 4.91
N SER A 195 15.53 32.70 4.82
CA SER A 195 16.26 33.90 5.14
C SER A 195 15.45 34.55 6.23
N ASP A 196 15.68 35.83 6.49
CA ASP A 196 14.72 36.59 7.27
C ASP A 196 13.88 37.37 6.27
N HIS A 197 13.31 36.66 5.30
CA HIS A 197 12.67 37.36 4.17
C HIS A 197 11.15 37.19 3.92
N GLU A 198 10.58 35.99 3.68
CA GLU A 198 11.16 34.66 3.46
C GLU A 198 11.27 33.71 4.69
N ALA A 199 10.17 33.00 4.93
CA ALA A 199 10.11 31.94 5.93
C ALA A 199 9.14 30.87 5.47
N THR A 200 9.32 29.64 5.92
CA THR A 200 8.42 28.55 5.57
C THR A 200 7.46 28.22 6.70
N LEU A 201 6.17 28.12 6.38
CA LEU A 201 5.17 27.65 7.33
C LEU A 201 4.69 26.27 6.92
N ARG A 202 4.73 25.32 7.86
CA ARG A 202 4.30 23.96 7.56
C ARG A 202 3.16 23.52 8.47
N CYS A 203 2.07 23.06 7.87
CA CYS A 203 0.90 22.63 8.62
C CYS A 203 0.87 21.10 8.67
N TRP A 204 0.91 20.55 9.89
CA TRP A 204 1.00 19.10 10.09
C TRP A 204 -0.33 18.46 10.47
N ALA A 205 -0.59 17.29 9.91
CA ALA A 205 -1.70 16.46 10.34
C ALA A 205 -1.15 15.07 10.64
N LEU A 206 -1.27 14.63 11.88
CA LEU A 206 -0.67 13.37 12.32
C LEU A 206 -1.67 12.41 12.92
N GLY A 207 -1.31 11.13 12.92
CA GLY A 207 -2.11 10.09 13.55
C GLY A 207 -3.58 10.13 13.20
N PHE A 208 -3.89 10.31 11.92
CA PHE A 208 -5.29 10.31 11.50
C PHE A 208 -5.65 9.07 10.68
N TYR A 209 -6.90 8.61 10.84
CA TYR A 209 -7.45 7.52 10.05
C TYR A 209 -8.95 7.76 9.84
N PRO A 210 -9.44 7.48 8.63
CA PRO A 210 -8.71 6.93 7.48
C PRO A 210 -7.78 7.95 6.85
N ALA A 211 -7.13 7.56 5.75
CA ALA A 211 -6.13 8.39 5.09
C ALA A 211 -6.72 9.62 4.42
N GLU A 212 -8.00 9.53 4.01
CA GLU A 212 -8.66 10.64 3.33
C GLU A 212 -8.65 11.92 4.16
N ILE A 213 -8.06 12.97 3.61
CA ILE A 213 -7.92 14.24 4.33
C ILE A 213 -7.68 15.41 3.37
N THR A 214 -7.92 16.62 3.86
CA THR A 214 -7.70 17.82 3.05
C THR A 214 -6.96 18.90 3.82
N LEU A 215 -5.84 19.35 3.26
CA LEU A 215 -5.08 20.46 3.83
C LEU A 215 -4.98 21.59 2.82
N THR A 216 -5.47 22.77 3.19
CA THR A 216 -5.43 23.92 2.30
C THR A 216 -4.95 25.18 3.02
N TRP A 217 -4.25 26.02 2.27
CA TRP A 217 -3.70 27.26 2.81
C TRP A 217 -4.51 28.47 2.36
N GLN A 218 -4.48 29.53 3.17
CA GLN A 218 -5.11 30.79 2.81
C GLN A 218 -4.29 32.00 3.27
N ARG A 219 -4.22 33.01 2.40
CA ARG A 219 -3.66 34.30 2.79
C ARG A 219 -4.77 35.34 2.90
N ASP A 220 -4.75 36.12 3.96
CA ASP A 220 -5.75 37.17 4.16
C ASP A 220 -7.15 36.63 3.94
N GLY A 221 -7.51 35.63 4.74
CA GLY A 221 -8.80 34.97 4.61
C GLY A 221 -9.96 35.90 4.30
N GLU A 222 -10.90 35.41 3.49
CA GLU A 222 -10.81 34.06 2.97
C GLU A 222 -10.27 34.05 1.54
N ASP A 223 -8.96 33.92 1.41
CA ASP A 223 -8.33 33.86 0.08
C ASP A 223 -7.44 32.64 -0.10
N GLN A 224 -7.95 31.67 -0.87
CA GLN A 224 -7.23 30.42 -1.13
C GLN A 224 -5.89 30.65 -1.80
N THR A 225 -4.95 29.73 -1.59
CA THR A 225 -3.59 29.93 -2.02
C THR A 225 -2.94 28.67 -2.60
N GLN A 226 -2.43 28.80 -3.83
CA GLN A 226 -1.50 27.82 -4.38
C GLN A 226 -0.07 28.33 -4.19
N ASP A 227 0.87 27.78 -4.94
CA ASP A 227 2.28 28.15 -4.78
C ASP A 227 2.84 27.54 -3.51
N THR A 228 2.29 26.37 -3.17
CA THR A 228 2.57 25.72 -1.91
C THR A 228 3.10 24.33 -2.15
N GLU A 229 3.65 23.72 -1.12
CA GLU A 229 4.15 22.36 -1.22
C GLU A 229 3.24 21.43 -0.41
N LEU A 230 3.10 20.20 -0.88
CA LEU A 230 2.20 19.25 -0.26
C LEU A 230 2.66 17.83 -0.49
N VAL A 231 3.18 17.18 0.55
CA VAL A 231 3.62 15.80 0.43
C VAL A 231 2.47 14.81 0.36
N GLU A 232 2.71 13.70 -0.33
CA GLU A 232 1.74 12.63 -0.40
C GLU A 232 1.46 12.09 0.99
N THR A 233 0.22 11.67 1.22
CA THR A 233 -0.15 11.01 2.46
C THR A 233 0.74 9.79 2.65
N ARG A 234 1.22 9.59 3.87
CA ARG A 234 2.14 8.49 4.16
C ARG A 234 1.76 7.77 5.44
N PRO A 235 1.95 6.44 5.46
CA PRO A 235 1.60 5.61 6.63
C PRO A 235 2.58 5.81 7.78
N ALA A 236 2.05 5.96 8.99
CA ALA A 236 2.90 6.16 10.16
C ALA A 236 3.53 4.84 10.61
N GLY A 237 2.90 3.73 10.24
CA GLY A 237 3.40 2.42 10.62
C GLY A 237 2.67 1.84 11.82
N ASP A 238 1.67 2.56 12.30
CA ASP A 238 0.87 2.10 13.44
C ASP A 238 -0.62 2.10 13.11
N GLY A 239 -0.93 2.12 11.82
CA GLY A 239 -2.31 2.10 11.37
C GLY A 239 -2.86 3.46 11.02
N THR A 240 -2.14 4.52 11.39
CA THR A 240 -2.58 5.87 11.07
C THR A 240 -1.72 6.49 9.97
N PHE A 241 -2.08 7.70 9.56
CA PHE A 241 -1.43 8.35 8.44
C PHE A 241 -0.91 9.74 8.78
N GLN A 242 0.02 10.22 7.98
CA GLN A 242 0.62 11.55 8.16
C GLN A 242 0.54 12.34 6.87
N LYS A 243 0.57 13.66 6.99
CA LYS A 243 0.58 14.54 5.83
C LYS A 243 0.89 15.96 6.28
N TRP A 244 1.53 16.73 5.39
CA TRP A 244 1.71 18.15 5.67
C TRP A 244 1.66 18.99 4.40
N ALA A 245 1.24 20.25 4.56
CA ALA A 245 1.27 21.23 3.50
C ALA A 245 2.07 22.44 3.96
N ALA A 246 2.81 23.05 3.04
CA ALA A 246 3.70 24.15 3.39
C ALA A 246 3.54 25.30 2.42
N VAL A 247 3.88 26.51 2.87
CA VAL A 247 3.82 27.67 2.02
C VAL A 247 4.96 28.63 2.35
N VAL A 248 5.55 29.23 1.31
CA VAL A 248 6.60 30.21 1.51
C VAL A 248 6.00 31.60 1.63
N VAL A 249 6.26 32.25 2.76
CA VAL A 249 5.66 33.54 3.05
C VAL A 249 6.70 34.61 3.36
N PRO A 250 6.41 35.86 2.99
CA PRO A 250 7.33 36.96 3.30
C PRO A 250 7.36 37.23 4.81
N SER A 251 8.55 37.30 5.38
CA SER A 251 8.72 37.66 6.78
C SER A 251 7.90 38.92 7.05
N GLY A 252 6.65 38.71 7.45
CA GLY A 252 5.70 39.81 7.51
C GLY A 252 4.81 39.76 8.73
N GLU A 253 3.57 39.28 8.64
CA GLU A 253 2.90 38.69 7.45
C GLU A 253 2.86 37.15 7.38
N GLU A 254 3.50 36.48 8.33
CA GLU A 254 3.23 35.07 8.63
C GLU A 254 1.84 34.90 9.21
N GLN A 255 1.43 35.87 10.04
CA GLN A 255 0.19 35.77 10.81
C GLN A 255 -1.07 36.00 9.96
N ARG A 256 -0.90 36.40 8.70
CA ARG A 256 -2.04 36.64 7.84
C ARG A 256 -2.43 35.39 7.07
N TYR A 257 -1.73 34.29 7.33
CA TYR A 257 -2.03 33.02 6.69
C TYR A 257 -2.79 32.11 7.65
N THR A 258 -3.57 31.19 7.08
CA THR A 258 -4.27 30.19 7.89
C THR A 258 -4.24 28.82 7.21
N CYS A 259 -4.10 27.77 8.02
CA CYS A 259 -4.16 26.41 7.51
C CYS A 259 -5.52 25.81 7.82
N HIS A 260 -6.06 25.06 6.87
CA HIS A 260 -7.39 24.50 7.02
C HIS A 260 -7.39 22.99 6.85
N VAL A 261 -7.87 22.30 7.88
CA VAL A 261 -7.81 20.84 7.93
C VAL A 261 -9.20 20.22 7.90
N GLN A 262 -9.39 19.28 6.98
CA GLN A 262 -10.67 18.59 6.85
C GLN A 262 -10.50 17.09 6.98
N HIS A 263 -11.19 16.50 7.95
CA HIS A 263 -11.16 15.07 8.16
C HIS A 263 -12.47 14.63 8.82
N GLU A 264 -12.98 13.48 8.39
CA GLU A 264 -14.27 13.00 8.88
C GLU A 264 -14.28 12.74 10.39
N GLY A 265 -13.11 12.74 11.00
CA GLY A 265 -13.00 12.46 12.43
C GLY A 265 -13.11 13.70 13.29
N LEU A 266 -13.09 14.87 12.66
CA LEU A 266 -13.17 16.13 13.37
C LEU A 266 -14.61 16.60 13.49
N PRO A 267 -15.00 17.05 14.69
CA PRO A 267 -16.33 17.64 14.90
C PRO A 267 -16.54 18.84 13.99
N LYS A 268 -15.46 19.57 13.75
CA LYS A 268 -15.49 20.73 12.88
C LYS A 268 -14.14 20.87 12.17
N PRO A 269 -14.15 21.40 10.94
CA PRO A 269 -12.89 21.69 10.25
C PRO A 269 -12.01 22.58 11.13
N LEU A 270 -10.70 22.33 11.14
CA LEU A 270 -9.79 23.09 11.97
C LEU A 270 -9.13 24.22 11.22
N THR A 271 -8.91 25.33 11.91
CA THR A 271 -8.19 26.46 11.35
C THR A 271 -6.99 26.78 12.22
N LEU A 272 -5.79 26.63 11.65
CA LEU A 272 -4.56 26.93 12.38
C LEU A 272 -3.97 28.25 11.93
N ARG A 273 -3.45 29.01 12.89
CA ARG A 273 -2.83 30.28 12.59
C ARG A 273 -1.52 30.43 13.38
N TRP A 274 -0.50 30.93 12.72
CA TRP A 274 0.79 31.13 13.37
C TRP A 274 0.71 32.36 14.27
N ILE B 1 7.22 1.43 -19.59
CA ILE B 1 6.93 0.12 -19.02
C ILE B 1 7.42 0.05 -17.58
N GLN B 2 8.38 0.90 -17.24
CA GLN B 2 8.93 0.94 -15.89
C GLN B 2 8.68 2.29 -15.21
N ARG B 3 8.62 2.27 -13.88
CA ARG B 3 8.34 3.49 -13.12
C ARG B 3 9.23 3.58 -11.88
N THR B 4 9.84 4.76 -11.70
CA THR B 4 10.76 4.97 -10.59
C THR B 4 9.97 5.23 -9.30
N PRO B 5 10.53 4.82 -8.16
CA PRO B 5 9.79 4.89 -6.90
C PRO B 5 9.86 6.27 -6.25
N LYS B 6 8.75 6.71 -5.69
CA LYS B 6 8.75 7.89 -4.83
C LYS B 6 9.28 7.43 -3.48
N ILE B 7 9.92 8.33 -2.76
CA ILE B 7 10.54 7.97 -1.49
C ILE B 7 10.29 9.06 -0.44
N GLN B 8 9.86 8.62 0.74
CA GLN B 8 9.75 9.53 1.88
C GLN B 8 10.41 8.91 3.10
N VAL B 9 11.18 9.72 3.83
CA VAL B 9 11.84 9.28 5.05
C VAL B 9 11.31 10.11 6.22
N TYR B 10 10.90 9.45 7.29
CA TYR B 10 10.25 10.13 8.40
C TYR B 10 10.10 9.23 9.63
N SER B 11 9.77 9.84 10.76
CA SER B 11 9.55 9.09 12.00
C SER B 11 8.07 8.83 12.25
N ARG B 12 7.76 7.73 12.92
CA ARG B 12 6.37 7.39 13.24
C ARG B 12 5.76 8.39 14.21
N HIS B 13 6.61 8.94 15.07
CA HIS B 13 6.18 9.95 16.05
C HIS B 13 7.05 11.18 15.90
N PRO B 14 6.58 12.32 16.42
CA PRO B 14 7.40 13.53 16.39
C PRO B 14 8.76 13.26 17.03
N ALA B 15 9.83 13.62 16.34
CA ALA B 15 11.18 13.31 16.80
C ALA B 15 11.55 14.06 18.07
N GLU B 16 11.97 13.32 19.09
CA GLU B 16 12.48 13.90 20.32
C GLU B 16 13.81 13.26 20.69
N ASN B 17 14.83 14.09 20.85
CA ASN B 17 16.18 13.60 21.16
C ASN B 17 16.22 12.72 22.41
N GLY B 18 16.81 11.54 22.27
CA GLY B 18 16.97 10.64 23.39
C GLY B 18 15.71 9.84 23.69
N LYS B 19 14.68 10.04 22.86
CA LYS B 19 13.41 9.36 23.03
C LYS B 19 13.22 8.27 21.97
N SER B 20 12.94 7.05 22.42
CA SER B 20 12.73 5.93 21.52
C SER B 20 11.61 6.23 20.52
N ASN B 21 11.82 5.84 19.27
CA ASN B 21 10.92 6.18 18.18
C ASN B 21 10.98 5.12 17.09
N PHE B 22 10.54 5.47 15.89
CA PHE B 22 10.59 4.58 14.75
C PHE B 22 10.93 5.35 13.47
N LEU B 23 11.93 4.85 12.74
CA LEU B 23 12.33 5.46 11.49
C LEU B 23 11.71 4.73 10.31
N ASN B 24 11.06 5.49 9.43
CA ASN B 24 10.36 4.89 8.31
C ASN B 24 10.93 5.31 6.97
N CYS B 25 10.80 4.42 5.99
CA CYS B 25 11.12 4.74 4.60
C CYS B 25 10.02 4.17 3.71
N TYR B 26 9.16 5.05 3.23
CA TYR B 26 8.02 4.66 2.41
C TYR B 26 8.33 4.80 0.93
N VAL B 27 8.36 3.67 0.23
CA VAL B 27 8.61 3.67 -1.20
C VAL B 27 7.34 3.27 -1.94
N SER B 28 7.02 4.00 -3.01
CA SER B 28 5.76 3.78 -3.69
C SER B 28 5.81 4.21 -5.15
N GLY B 29 4.86 3.71 -5.94
CA GLY B 29 4.72 4.10 -7.32
C GLY B 29 5.73 3.46 -8.25
N PHE B 30 6.42 2.44 -7.78
CA PHE B 30 7.47 1.82 -8.60
C PHE B 30 7.03 0.55 -9.32
N HIS B 31 7.76 0.22 -10.38
CA HIS B 31 7.55 -1.01 -11.13
C HIS B 31 8.78 -1.21 -12.03
N PRO B 32 9.32 -2.44 -12.04
CA PRO B 32 8.85 -3.64 -11.36
C PRO B 32 9.11 -3.63 -9.85
N SER B 33 8.86 -4.77 -9.21
CA SER B 33 8.85 -4.86 -7.76
C SER B 33 10.22 -5.02 -7.11
N ASP B 34 11.18 -5.54 -7.86
CA ASP B 34 12.53 -5.70 -7.32
C ASP B 34 13.11 -4.37 -6.89
N ILE B 35 13.35 -4.21 -5.59
CA ILE B 35 13.86 -2.94 -5.07
C ILE B 35 14.76 -3.14 -3.86
N GLU B 36 15.74 -2.27 -3.71
CA GLU B 36 16.69 -2.37 -2.62
C GLU B 36 16.57 -1.16 -1.69
N VAL B 37 16.20 -1.40 -0.44
CA VAL B 37 15.97 -0.31 0.51
C VAL B 37 16.68 -0.53 1.84
N ASP B 38 17.63 0.35 2.14
CA ASP B 38 18.34 0.29 3.42
C ASP B 38 18.16 1.58 4.20
N LEU B 39 18.05 1.45 5.51
CA LEU B 39 18.08 2.61 6.39
C LEU B 39 19.49 2.76 6.93
N LEU B 40 20.00 3.98 6.97
CA LEU B 40 21.38 4.21 7.33
C LEU B 40 21.53 5.05 8.59
N LYS B 41 22.50 4.69 9.42
CA LYS B 41 22.85 5.48 10.58
C LYS B 41 24.31 5.93 10.43
N ASN B 42 24.49 7.22 10.12
CA ASN B 42 25.81 7.76 9.87
C ASN B 42 26.55 7.00 8.77
N GLY B 43 25.83 6.66 7.70
CA GLY B 43 26.42 6.00 6.56
C GLY B 43 26.42 4.49 6.65
N GLU B 44 26.32 3.96 7.87
CA GLU B 44 26.33 2.52 8.08
C GLU B 44 24.93 1.92 8.04
N ARG B 45 24.83 0.71 7.52
CA ARG B 45 23.55 0.00 7.46
C ARG B 45 22.99 -0.24 8.85
N ILE B 46 21.68 -0.07 8.98
CA ILE B 46 20.99 -0.40 10.23
C ILE B 46 20.48 -1.83 10.14
N GLU B 47 20.82 -2.64 11.13
CA GLU B 47 20.42 -4.05 11.12
C GLU B 47 18.98 -4.23 11.60
N LYS B 48 18.42 -5.41 11.34
CA LYS B 48 17.07 -5.71 11.78
C LYS B 48 16.06 -4.69 11.28
N VAL B 49 16.00 -4.51 9.96
CA VAL B 49 15.04 -3.62 9.35
C VAL B 49 13.87 -4.40 8.77
N GLU B 50 12.67 -4.16 9.29
CA GLU B 50 11.48 -4.87 8.83
C GLU B 50 10.74 -4.06 7.78
N HIS B 51 9.77 -4.70 7.13
CA HIS B 51 8.96 -4.02 6.13
C HIS B 51 7.65 -4.74 5.89
N SER B 52 6.66 -4.00 5.40
CA SER B 52 5.39 -4.59 5.03
C SER B 52 5.58 -5.46 3.79
N ASP B 53 4.67 -6.41 3.60
CA ASP B 53 4.76 -7.29 2.44
C ASP B 53 4.32 -6.59 1.16
N LEU B 54 4.98 -6.94 0.05
CA LEU B 54 4.72 -6.31 -1.24
C LEU B 54 3.23 -6.23 -1.58
N SER B 55 2.80 -5.03 -1.93
CA SER B 55 1.42 -4.80 -2.39
C SER B 55 1.46 -3.79 -3.53
N PHE B 56 0.30 -3.44 -4.06
CA PHE B 56 0.24 -2.48 -5.16
C PHE B 56 -1.04 -1.66 -5.20
N SER B 57 -1.00 -0.55 -5.93
CA SER B 57 -2.14 0.36 -6.05
C SER B 57 -3.01 0.04 -7.27
N LYS B 58 -4.10 0.77 -7.41
CA LYS B 58 -5.02 0.63 -8.53
C LYS B 58 -4.29 0.66 -9.88
N ASP B 59 -3.22 1.45 -9.96
CA ASP B 59 -2.46 1.58 -11.21
C ASP B 59 -1.38 0.50 -11.37
N TRP B 60 -1.41 -0.50 -10.49
CA TRP B 60 -0.49 -1.63 -10.56
C TRP B 60 0.91 -1.34 -10.05
N SER B 61 1.14 -0.11 -9.60
CA SER B 61 2.44 0.26 -9.06
C SER B 61 2.57 -0.22 -7.62
N PHE B 62 3.77 -0.65 -7.24
CA PHE B 62 4.02 -1.24 -5.93
C PHE B 62 4.37 -0.20 -4.87
N TYR B 63 4.12 -0.54 -3.61
CA TYR B 63 4.54 0.28 -2.49
C TYR B 63 5.00 -0.59 -1.33
N LEU B 64 5.85 -0.03 -0.48
CA LEU B 64 6.41 -0.75 0.66
C LEU B 64 6.76 0.22 1.78
N LEU B 65 6.63 -0.24 3.02
CA LEU B 65 7.07 0.53 4.17
C LEU B 65 8.17 -0.20 4.93
N TYR B 66 9.34 0.42 5.00
CA TYR B 66 10.45 -0.12 5.79
C TYR B 66 10.55 0.64 7.10
N TYR B 67 10.89 -0.07 8.18
CA TYR B 67 10.91 0.55 9.50
C TYR B 67 11.80 -0.18 10.48
N THR B 68 12.42 0.59 11.37
CA THR B 68 13.22 0.04 12.44
C THR B 68 13.15 0.97 13.63
N GLU B 69 13.43 0.47 14.83
CA GLU B 69 13.50 1.31 16.01
C GLU B 69 14.72 2.22 15.91
N PHE B 70 14.60 3.42 16.46
CA PHE B 70 15.73 4.34 16.50
C PHE B 70 15.49 5.46 17.50
N THR B 71 16.56 5.92 18.12
CA THR B 71 16.49 7.02 19.07
C THR B 71 17.26 8.20 18.51
N PRO B 72 16.53 9.20 18.00
CA PRO B 72 17.15 10.36 17.34
C PRO B 72 17.98 11.19 18.31
N THR B 73 19.14 11.65 17.86
CA THR B 73 19.94 12.60 18.62
C THR B 73 20.07 13.85 17.78
N GLU B 74 20.67 14.89 18.34
CA GLU B 74 20.83 16.13 17.59
C GLU B 74 21.88 16.02 16.50
N LYS B 75 22.89 15.19 16.72
CA LYS B 75 23.99 15.07 15.78
C LYS B 75 23.89 13.89 14.81
N ASP B 76 23.36 12.77 15.29
CA ASP B 76 23.27 11.56 14.47
C ASP B 76 22.51 11.77 13.18
N GLU B 77 23.07 11.28 12.08
CA GLU B 77 22.46 11.43 10.77
C GLU B 77 21.83 10.13 10.28
N TYR B 78 20.54 10.18 9.98
CA TYR B 78 19.83 9.02 9.45
C TYR B 78 19.41 9.26 8.00
N ALA B 79 19.38 8.18 7.22
CA ALA B 79 19.03 8.29 5.81
C ALA B 79 18.44 7.01 5.26
N CYS B 80 17.95 7.08 4.03
CA CYS B 80 17.38 5.91 3.36
C CYS B 80 18.01 5.76 1.99
N ARG B 81 18.60 4.59 1.73
CA ARG B 81 19.18 4.32 0.43
C ARG B 81 18.30 3.37 -0.38
N VAL B 82 17.87 3.84 -1.54
CA VAL B 82 16.99 3.04 -2.38
C VAL B 82 17.61 2.80 -3.76
N ASN B 83 17.61 1.54 -4.18
CA ASN B 83 18.08 1.19 -5.51
C ASN B 83 16.98 0.48 -6.30
N HIS B 84 16.94 0.75 -7.61
CA HIS B 84 15.89 0.23 -8.46
C HIS B 84 16.37 0.28 -9.91
N VAL B 85 15.88 -0.63 -10.73
CA VAL B 85 16.33 -0.72 -12.12
C VAL B 85 16.27 0.62 -12.86
N THR B 86 15.32 1.46 -12.47
CA THR B 86 15.14 2.77 -13.11
C THR B 86 16.10 3.81 -12.55
N LEU B 87 16.96 3.40 -11.64
CA LEU B 87 17.89 4.31 -10.99
C LEU B 87 19.32 4.08 -11.44
N SER B 88 19.89 5.10 -12.08
CA SER B 88 21.28 5.06 -12.52
C SER B 88 22.20 4.66 -11.38
N GLN B 89 21.80 5.01 -10.16
CA GLN B 89 22.55 4.67 -8.97
C GLN B 89 21.66 4.83 -7.74
N PRO B 90 22.03 4.19 -6.62
CA PRO B 90 21.22 4.26 -5.40
C PRO B 90 21.01 5.70 -4.95
N LYS B 91 19.75 6.12 -4.83
CA LYS B 91 19.44 7.45 -4.34
C LYS B 91 19.32 7.46 -2.82
N ILE B 92 19.95 8.44 -2.20
CA ILE B 92 19.93 8.56 -0.75
C ILE B 92 19.11 9.76 -0.32
N VAL B 93 18.06 9.50 0.47
CA VAL B 93 17.26 10.56 1.04
C VAL B 93 17.51 10.65 2.53
N LYS B 94 17.95 11.82 2.99
CA LYS B 94 18.25 12.03 4.40
C LYS B 94 16.96 12.18 5.19
N TRP B 95 17.00 11.84 6.47
CA TRP B 95 15.86 12.09 7.35
C TRP B 95 15.90 13.52 7.89
N ASP B 96 14.80 14.24 7.70
CA ASP B 96 14.68 15.61 8.19
C ASP B 96 13.46 15.71 9.10
N ARG B 97 13.70 15.90 10.39
CA ARG B 97 12.62 15.88 11.38
C ARG B 97 11.56 16.96 11.13
N ASP B 98 11.88 17.90 10.25
CA ASP B 98 10.95 18.98 9.93
C ASP B 98 10.12 18.71 8.68
N MET B 99 10.26 17.51 8.12
CA MET B 99 9.51 17.17 6.90
C MET B 99 9.06 15.71 6.89
N GLN C 1 -10.59 -15.46 4.02
CA GLN C 1 -10.39 -16.74 3.35
C GLN C 1 -10.38 -16.58 1.83
N VAL C 2 -9.37 -17.14 1.18
CA VAL C 2 -9.28 -17.13 -0.27
C VAL C 2 -10.24 -18.17 -0.87
N PRO C 3 -10.51 -18.05 -2.18
CA PRO C 3 -11.36 -19.04 -2.87
C PRO C 3 -10.81 -20.46 -2.74
N LEU C 4 -11.67 -21.46 -2.90
CA LEU C 4 -11.27 -22.84 -2.72
C LEU C 4 -10.27 -23.33 -3.77
N ARG C 5 -10.43 -22.85 -5.00
CA ARG C 5 -9.50 -23.17 -6.08
C ARG C 5 -9.16 -21.91 -6.88
N PRO C 6 -8.07 -21.94 -7.65
CA PRO C 6 -7.74 -20.79 -8.48
C PRO C 6 -8.52 -20.84 -9.77
N MET C 7 -8.49 -19.75 -10.54
CA MET C 7 -9.08 -19.72 -11.87
C MET C 7 -8.35 -20.71 -12.77
N THR C 8 -9.07 -21.31 -13.71
CA THR C 8 -8.44 -22.18 -14.69
C THR C 8 -7.35 -21.43 -15.42
N TYR C 9 -6.38 -22.16 -15.95
CA TYR C 9 -5.22 -21.54 -16.60
C TYR C 9 -5.65 -20.50 -17.64
N LYS C 10 -4.88 -19.42 -17.70
CA LYS C 10 -5.13 -18.34 -18.65
C LYS C 10 -4.73 -18.75 -20.06
#